data_6ZWT
#
_entry.id   6ZWT
#
_cell.length_a   48.470
_cell.length_b   49.703
_cell.length_c   52.727
_cell.angle_alpha   90.07
_cell.angle_beta   99.01
_cell.angle_gamma   103.98
#
_symmetry.space_group_name_H-M   'P 1'
#
loop_
_entity.id
_entity.type
_entity.pdbx_description
1 polymer 'Two-component response regulator'
2 non-polymer 'SULFATE ION'
3 non-polymer DI(HYDROXYETHYL)ETHER
4 non-polymer GLYCEROL
5 water water
#
_entity_poly.entity_id   1
_entity_poly.type   'polypeptide(L)'
_entity_poly.pdbx_seq_one_letter_code
;MSQQVEVVSFGPWSLDLSTRTLTREGQIVTLTTGEFAVLKALVQHPREPLTRDKLMNLARGREWGAMERSIDVQVSRLRR
LIEDNPARARYIQTVWGVGYVFVPDGAEHHHHHH
;
_entity_poly.pdbx_strand_id   A,B,C,D
#
# COMPACT_ATOMS: atom_id res chain seq x y z
N GLU A 6 1.39 26.89 -32.91
CA GLU A 6 0.59 27.04 -31.65
C GLU A 6 1.51 26.82 -30.44
N VAL A 7 2.30 27.84 -30.09
CA VAL A 7 3.25 27.86 -28.93
C VAL A 7 2.64 28.68 -27.79
N VAL A 8 2.54 28.12 -26.59
CA VAL A 8 2.00 28.84 -25.40
C VAL A 8 3.17 29.14 -24.45
N SER A 9 3.19 30.35 -23.87
CA SER A 9 4.20 30.77 -22.88
C SER A 9 3.56 30.86 -21.50
N PHE A 10 4.34 30.64 -20.46
CA PHE A 10 3.99 30.92 -19.06
C PHE A 10 5.32 31.10 -18.30
N GLY A 11 5.49 32.26 -17.68
CA GLY A 11 6.75 32.64 -17.04
C GLY A 11 7.90 32.32 -17.99
N PRO A 12 8.97 31.64 -17.53
CA PRO A 12 10.12 31.37 -18.39
C PRO A 12 9.91 30.18 -19.32
N TRP A 13 8.76 29.52 -19.25
CA TRP A 13 8.45 28.29 -20.02
C TRP A 13 7.77 28.67 -21.33
N SER A 14 8.05 27.87 -22.36
CA SER A 14 7.33 27.86 -23.66
CA SER A 14 7.33 27.86 -23.66
C SER A 14 7.04 26.41 -24.05
N LEU A 15 5.81 26.13 -24.46
CA LEU A 15 5.36 24.79 -24.89
C LEU A 15 4.91 24.87 -26.34
N ASP A 16 5.58 24.15 -27.24
CA ASP A 16 5.26 24.13 -28.69
C ASP A 16 4.42 22.87 -28.93
N LEU A 17 3.15 23.04 -29.22
CA LEU A 17 2.23 21.90 -29.40
C LEU A 17 2.49 21.26 -30.77
N SER A 18 3.14 21.95 -31.70
CA SER A 18 3.57 21.36 -33.00
C SER A 18 4.65 20.31 -32.76
N THR A 19 5.80 20.72 -32.24
CA THR A 19 7.03 19.89 -32.10
C THR A 19 6.97 19.11 -30.79
N ARG A 20 5.92 19.34 -30.00
CA ARG A 20 5.67 18.69 -28.67
C ARG A 20 6.90 18.87 -27.78
N THR A 21 7.41 20.09 -27.66
CA THR A 21 8.66 20.39 -26.91
C THR A 21 8.37 21.44 -25.84
N LEU A 22 8.97 21.27 -24.67
CA LEU A 22 8.92 22.28 -23.57
C LEU A 22 10.32 22.88 -23.42
N THR A 23 10.44 24.19 -23.55
CA THR A 23 11.72 24.91 -23.48
C THR A 23 11.73 25.92 -22.35
N ARG A 24 12.93 26.18 -21.81
CA ARG A 24 13.23 27.35 -20.97
C ARG A 24 14.72 27.64 -21.07
N GLU A 25 15.04 28.94 -21.22
CA GLU A 25 16.43 29.45 -21.19
C GLU A 25 17.26 28.58 -22.15
N GLY A 26 16.75 28.34 -23.35
CA GLY A 26 17.46 27.66 -24.44
C GLY A 26 17.40 26.14 -24.37
N GLN A 27 17.14 25.56 -23.20
CA GLN A 27 17.13 24.08 -22.97
C GLN A 27 15.75 23.48 -23.20
N ILE A 28 15.68 22.41 -24.01
CA ILE A 28 14.48 21.53 -24.16
C ILE A 28 14.47 20.55 -22.99
N VAL A 29 13.39 20.49 -22.20
CA VAL A 29 13.30 19.63 -20.98
C VAL A 29 12.55 18.36 -21.34
N THR A 30 13.06 17.23 -20.83
CA THR A 30 12.47 15.89 -21.06
C THR A 30 11.18 15.78 -20.25
N LEU A 31 10.07 15.53 -20.94
CA LEU A 31 8.76 15.19 -20.36
C LEU A 31 8.44 13.77 -20.82
N THR A 32 7.68 13.00 -20.03
CA THR A 32 7.08 11.74 -20.54
C THR A 32 5.94 12.13 -21.46
N THR A 33 5.47 11.23 -22.30
CA THR A 33 4.28 11.43 -23.16
C THR A 33 3.08 11.81 -22.28
N GLY A 34 2.94 11.20 -21.11
CA GLY A 34 1.79 11.45 -20.22
C GLY A 34 1.87 12.84 -19.62
N GLU A 35 3.07 13.23 -19.16
CA GLU A 35 3.30 14.57 -18.57
C GLU A 35 2.97 15.61 -19.66
N PHE A 36 3.39 15.35 -20.90
CA PHE A 36 3.18 16.29 -22.02
C PHE A 36 1.67 16.40 -22.27
N ALA A 37 0.99 15.27 -22.33
CA ALA A 37 -0.46 15.19 -22.66
C ALA A 37 -1.27 15.94 -21.58
N VAL A 38 -0.91 15.77 -20.31
CA VAL A 38 -1.59 16.41 -19.16
C VAL A 38 -1.26 17.91 -19.22
N LEU A 39 0.00 18.27 -19.43
CA LEU A 39 0.35 19.70 -19.57
C LEU A 39 -0.43 20.31 -20.74
N LYS A 40 -0.42 19.67 -21.91
CA LYS A 40 -1.15 20.15 -23.09
C LYS A 40 -2.60 20.43 -22.72
N ALA A 41 -3.28 19.46 -22.14
CA ALA A 41 -4.69 19.62 -21.72
C ALA A 41 -4.81 20.89 -20.87
N LEU A 42 -3.98 21.03 -19.85
CA LEU A 42 -4.08 22.20 -18.93
C LEU A 42 -3.90 23.51 -19.72
N VAL A 43 -2.84 23.65 -20.52
CA VAL A 43 -2.58 24.93 -21.23
C VAL A 43 -3.69 25.18 -22.25
N GLN A 44 -4.32 24.14 -22.79
CA GLN A 44 -5.44 24.32 -23.74
C GLN A 44 -6.73 24.68 -22.99
N HIS A 45 -6.74 24.69 -21.66
CA HIS A 45 -7.92 25.09 -20.83
C HIS A 45 -7.49 26.06 -19.74
N PRO A 46 -6.97 27.26 -20.12
CA PRO A 46 -6.50 28.21 -19.13
C PRO A 46 -7.70 28.73 -18.32
N ARG A 47 -7.51 28.83 -17.00
N ARG A 47 -7.51 28.84 -17.00
CA ARG A 47 -8.44 29.42 -16.01
CA ARG A 47 -8.44 29.42 -16.01
C ARG A 47 -9.75 28.61 -15.91
C ARG A 47 -9.75 28.61 -15.91
N GLU A 48 -9.82 27.42 -16.53
CA GLU A 48 -10.98 26.49 -16.45
C GLU A 48 -10.60 25.33 -15.55
N PRO A 49 -11.28 25.15 -14.40
CA PRO A 49 -11.03 24.00 -13.53
C PRO A 49 -11.31 22.71 -14.31
N LEU A 50 -10.36 21.77 -14.35
CA LEU A 50 -10.60 20.41 -14.87
C LEU A 50 -10.61 19.41 -13.72
N THR A 51 -11.64 18.55 -13.66
CA THR A 51 -11.69 17.39 -12.75
C THR A 51 -10.58 16.44 -13.17
N ARG A 52 -10.25 15.50 -12.28
CA ARG A 52 -9.20 14.50 -12.54
C ARG A 52 -9.63 13.61 -13.71
N ASP A 53 -10.94 13.40 -13.90
CA ASP A 53 -11.52 12.54 -14.96
C ASP A 53 -11.43 13.23 -16.31
N LYS A 54 -11.79 14.50 -16.37
CA LYS A 54 -11.74 15.31 -17.62
C LYS A 54 -10.29 15.34 -18.11
N LEU A 55 -9.35 15.59 -17.19
CA LEU A 55 -7.90 15.63 -17.48
C LEU A 55 -7.43 14.29 -18.10
N MET A 56 -7.84 13.16 -17.52
CA MET A 56 -7.48 11.81 -18.02
C MET A 56 -8.17 11.60 -19.37
N ASN A 57 -9.42 12.03 -19.53
CA ASN A 57 -10.19 11.86 -20.79
C ASN A 57 -9.47 12.64 -21.91
N LEU A 58 -9.00 13.86 -21.62
CA LEU A 58 -8.30 14.73 -22.60
C LEU A 58 -6.91 14.17 -22.91
N ALA A 59 -6.08 13.98 -21.88
CA ALA A 59 -4.69 13.48 -21.96
C ALA A 59 -4.64 12.14 -22.71
N ARG A 60 -5.46 11.15 -22.34
CA ARG A 60 -5.14 9.72 -22.62
C ARG A 60 -6.32 8.96 -23.22
N GLY A 61 -7.54 9.53 -23.22
CA GLY A 61 -8.77 8.83 -23.62
C GLY A 61 -9.44 8.20 -22.42
N ARG A 62 -10.70 7.78 -22.59
CA ARG A 62 -11.59 7.31 -21.49
C ARG A 62 -11.34 5.82 -21.22
N GLU A 63 -10.62 5.10 -22.08
CA GLU A 63 -10.28 3.67 -21.85
C GLU A 63 -9.24 3.55 -20.73
N TRP A 64 -8.69 4.65 -20.22
CA TRP A 64 -7.66 4.66 -19.15
C TRP A 64 -8.29 5.20 -17.87
N GLY A 65 -9.59 5.48 -17.93
CA GLY A 65 -10.30 6.19 -16.86
C GLY A 65 -10.13 5.53 -15.50
N ALA A 66 -9.89 4.22 -15.46
CA ALA A 66 -9.75 3.51 -14.16
C ALA A 66 -8.38 3.79 -13.51
N MET A 67 -7.45 4.48 -14.18
CA MET A 67 -6.12 4.85 -13.63
C MET A 67 -6.07 6.35 -13.32
N GLU A 68 -7.24 7.00 -13.30
CA GLU A 68 -7.49 8.37 -12.79
C GLU A 68 -6.45 8.85 -11.76
N ARG A 69 -6.07 8.09 -10.72
CA ARG A 69 -5.14 8.57 -9.65
C ARG A 69 -3.76 8.91 -10.23
N SER A 70 -3.42 8.29 -11.35
CA SER A 70 -2.22 8.54 -12.21
C SER A 70 -2.03 10.05 -12.38
N ILE A 71 -3.12 10.79 -12.58
CA ILE A 71 -3.09 12.25 -12.88
C ILE A 71 -2.47 13.04 -11.75
N ASP A 72 -2.84 12.76 -10.50
CA ASP A 72 -2.29 13.49 -9.32
C ASP A 72 -0.75 13.33 -9.30
N VAL A 73 -0.26 12.13 -9.59
CA VAL A 73 1.20 11.85 -9.65
C VAL A 73 1.83 12.71 -10.78
N GLN A 74 1.20 12.68 -11.95
CA GLN A 74 1.65 13.40 -13.17
C GLN A 74 1.69 14.91 -12.91
N VAL A 75 0.62 15.46 -12.33
CA VAL A 75 0.60 16.89 -11.94
C VAL A 75 1.74 17.17 -10.95
N SER A 76 1.93 16.35 -9.93
CA SER A 76 2.97 16.67 -8.92
C SER A 76 4.35 16.67 -9.61
N ARG A 77 4.57 15.87 -10.66
CA ARG A 77 5.89 15.82 -11.36
C ARG A 77 6.07 17.09 -12.24
N LEU A 78 5.00 17.49 -12.94
CA LEU A 78 4.94 18.77 -13.68
C LEU A 78 5.29 19.93 -12.73
N ARG A 79 4.71 19.93 -11.56
CA ARG A 79 4.91 21.01 -10.56
C ARG A 79 6.38 21.08 -10.12
N ARG A 80 6.96 19.92 -9.80
CA ARG A 80 8.38 19.84 -9.33
C ARG A 80 9.26 20.49 -10.38
N LEU A 81 8.84 20.38 -11.65
CA LEU A 81 9.59 20.90 -12.81
C LEU A 81 9.27 22.38 -13.02
N ILE A 82 8.00 22.77 -13.20
CA ILE A 82 7.67 24.12 -13.77
C ILE A 82 7.47 25.16 -12.66
N GLU A 83 7.17 24.83 -11.42
CA GLU A 83 6.80 25.83 -10.39
C GLU A 83 8.04 26.36 -9.67
N ASP A 84 8.09 27.67 -9.46
CA ASP A 84 9.15 28.34 -8.67
C ASP A 84 9.27 27.59 -7.35
N ASN A 85 8.13 27.33 -6.69
CA ASN A 85 8.00 26.56 -5.44
C ASN A 85 6.89 25.50 -5.60
N PRO A 86 7.25 24.22 -5.75
CA PRO A 86 6.26 23.17 -6.01
C PRO A 86 5.18 23.05 -4.94
N ALA A 87 5.54 23.29 -3.67
CA ALA A 87 4.61 23.28 -2.51
C ALA A 87 3.66 24.47 -2.58
N ARG A 88 3.95 25.47 -3.40
CA ARG A 88 3.09 26.66 -3.57
C ARG A 88 2.90 26.87 -5.06
N ALA A 89 2.41 25.83 -5.74
CA ALA A 89 2.16 25.87 -7.20
C ALA A 89 1.42 27.17 -7.54
N ARG A 90 1.73 27.81 -8.67
CA ARG A 90 1.00 29.01 -9.15
C ARG A 90 0.50 28.78 -10.58
N TYR A 91 1.20 28.02 -11.41
CA TYR A 91 0.80 27.80 -12.82
C TYR A 91 -0.27 26.70 -12.88
N ILE A 92 -0.06 25.64 -12.09
CA ILE A 92 -1.02 24.51 -11.91
C ILE A 92 -1.50 24.57 -10.48
N GLN A 93 -2.68 25.14 -10.26
CA GLN A 93 -3.25 25.26 -8.90
C GLN A 93 -4.30 24.14 -8.67
N THR A 94 -4.42 23.72 -7.42
CA THR A 94 -5.38 22.68 -6.98
C THR A 94 -6.76 23.33 -6.75
N VAL A 95 -7.78 22.88 -7.45
CA VAL A 95 -9.20 23.18 -7.12
C VAL A 95 -9.68 22.12 -6.13
N TRP A 96 -9.81 22.46 -4.85
CA TRP A 96 -10.04 21.49 -3.74
C TRP A 96 -11.28 20.64 -4.02
N GLY A 97 -11.15 19.31 -3.89
CA GLY A 97 -12.27 18.36 -4.05
C GLY A 97 -12.68 18.14 -5.52
N VAL A 98 -12.09 18.86 -6.48
CA VAL A 98 -12.48 18.85 -7.93
C VAL A 98 -11.36 18.30 -8.83
N GLY A 99 -10.15 18.86 -8.72
CA GLY A 99 -9.03 18.63 -9.64
C GLY A 99 -8.09 19.81 -9.70
N TYR A 100 -7.85 20.36 -10.88
CA TYR A 100 -6.70 21.27 -11.15
C TYR A 100 -7.08 22.37 -12.15
N VAL A 101 -6.35 23.48 -12.07
CA VAL A 101 -6.54 24.63 -13.02
C VAL A 101 -5.17 25.19 -13.44
N PHE A 102 -5.04 25.46 -14.74
CA PHE A 102 -3.85 26.13 -15.32
C PHE A 102 -4.09 27.64 -15.22
N VAL A 103 -3.21 28.36 -14.51
CA VAL A 103 -3.26 29.85 -14.49
C VAL A 103 -2.01 30.39 -15.20
N PRO A 104 -2.12 30.82 -16.48
CA PRO A 104 -0.96 31.21 -17.28
C PRO A 104 -0.07 32.31 -16.70
N ASP A 105 -0.65 33.25 -15.95
CA ASP A 105 0.07 34.41 -15.35
C ASP A 105 0.52 34.12 -13.92
N GLY A 106 0.10 32.99 -13.34
CA GLY A 106 0.51 32.53 -11.99
C GLY A 106 -0.23 33.28 -10.91
N ALA A 107 -1.36 33.88 -11.26
CA ALA A 107 -2.19 34.73 -10.36
C ALA A 107 -2.95 33.87 -9.32
N GLU A 108 -2.89 34.26 -8.05
CA GLU A 108 -3.68 33.64 -6.94
C GLU A 108 -5.19 33.84 -7.17
N HIS A 109 -6.03 33.18 -6.38
CA HIS A 109 -7.51 33.15 -6.53
C HIS A 109 -8.12 34.55 -6.39
N HIS A 110 -7.64 35.37 -5.46
CA HIS A 110 -8.18 36.74 -5.20
C HIS A 110 -7.77 37.70 -6.33
N HIS A 111 -6.64 37.41 -7.02
CA HIS A 111 -6.02 38.15 -8.17
C HIS A 111 -5.13 39.31 -7.68
N GLU B 6 -4.96 13.43 25.38
CA GLU B 6 -4.06 13.20 24.20
C GLU B 6 -4.80 12.33 23.17
N VAL B 7 -5.72 12.96 22.42
CA VAL B 7 -6.60 12.34 21.38
C VAL B 7 -6.06 12.72 20.00
N VAL B 8 -5.85 11.74 19.11
CA VAL B 8 -5.44 11.98 17.70
C VAL B 8 -6.61 11.68 16.78
N SER B 9 -6.82 12.49 15.74
CA SER B 9 -7.87 12.30 14.71
C SER B 9 -7.21 11.91 13.40
N PHE B 10 -7.92 11.14 12.58
CA PHE B 10 -7.60 10.92 11.16
C PHE B 10 -8.91 10.54 10.47
N GLY B 11 -9.26 11.28 9.42
CA GLY B 11 -10.56 11.14 8.74
C GLY B 11 -11.65 11.03 9.81
N PRO B 12 -12.57 10.06 9.71
CA PRO B 12 -13.68 9.95 10.65
C PRO B 12 -13.29 9.30 11.99
N TRP B 13 -12.04 8.91 12.13
CA TRP B 13 -11.52 8.19 13.32
C TRP B 13 -10.97 9.18 14.34
N SER B 14 -11.13 8.85 15.61
CA SER B 14 -10.47 9.51 16.76
C SER B 14 -9.97 8.44 17.73
N LEU B 15 -8.72 8.55 18.16
CA LEU B 15 -8.03 7.59 19.07
C LEU B 15 -7.65 8.34 20.33
N ASP B 16 -8.19 7.93 21.47
CA ASP B 16 -7.87 8.53 22.79
C ASP B 16 -6.83 7.63 23.44
N LEU B 17 -5.62 8.11 23.57
CA LEU B 17 -4.50 7.33 24.14
C LEU B 17 -4.67 7.21 25.67
N SER B 18 -5.46 8.08 26.28
CA SER B 18 -5.79 8.01 27.72
C SER B 18 -6.67 6.78 27.98
N THR B 19 -7.88 6.76 27.41
CA THR B 19 -8.93 5.75 27.67
C THR B 19 -8.72 4.53 26.77
N ARG B 20 -7.71 4.59 25.91
CA ARG B 20 -7.33 3.53 24.93
C ARG B 20 -8.56 3.12 24.11
N THR B 21 -9.26 4.10 23.54
CA THR B 21 -10.53 3.86 22.81
C THR B 21 -10.38 4.44 21.41
N LEU B 22 -10.92 3.74 20.43
CA LEU B 22 -11.02 4.21 19.03
C LEU B 22 -12.50 4.43 18.73
N THR B 23 -12.87 5.64 18.31
CA THR B 23 -14.26 6.01 17.99
C THR B 23 -14.40 6.43 16.53
N ARG B 24 -15.60 6.20 15.99
CA ARG B 24 -16.08 6.82 14.75
C ARG B 24 -17.61 6.87 14.78
N GLU B 25 -18.18 8.01 14.38
CA GLU B 25 -19.63 8.22 14.20
C GLU B 25 -20.34 7.68 15.44
N GLY B 26 -19.86 8.07 16.61
CA GLY B 26 -20.52 7.78 17.88
C GLY B 26 -20.12 6.46 18.50
N GLN B 27 -19.71 5.47 17.69
CA GLN B 27 -19.43 4.07 18.13
C GLN B 27 -17.95 3.90 18.54
N ILE B 28 -17.71 3.29 19.70
CA ILE B 28 -16.38 2.76 20.12
C ILE B 28 -16.14 1.41 19.44
N VAL B 29 -15.05 1.24 18.71
CA VAL B 29 -14.71 -0.03 17.98
C VAL B 29 -13.77 -0.85 18.84
N THR B 30 -14.03 -2.16 18.90
CA THR B 30 -13.21 -3.14 19.63
C THR B 30 -11.90 -3.35 18.87
N LEU B 31 -10.79 -3.09 19.53
CA LEU B 31 -9.42 -3.40 19.07
C LEU B 31 -8.83 -4.45 20.01
N THR B 32 -7.92 -5.32 19.54
CA THR B 32 -7.11 -6.15 20.45
C THR B 32 -6.07 -5.25 21.09
N THR B 33 -5.46 -5.67 22.20
CA THR B 33 -4.34 -4.93 22.84
C THR B 33 -3.22 -4.70 21.80
N GLY B 34 -2.95 -5.68 20.94
CA GLY B 34 -1.86 -5.59 19.97
C GLY B 34 -2.19 -4.59 18.88
N GLU B 35 -3.43 -4.64 18.38
CA GLU B 35 -3.91 -3.71 17.33
C GLU B 35 -3.78 -2.29 17.91
N PHE B 36 -4.15 -2.11 19.17
CA PHE B 36 -4.17 -0.76 19.80
C PHE B 36 -2.72 -0.28 19.91
N ALA B 37 -1.84 -1.17 20.37
CA ALA B 37 -0.41 -0.85 20.61
C ALA B 37 0.27 -0.45 19.29
N VAL B 38 -0.02 -1.18 18.23
CA VAL B 38 0.54 -0.94 16.87
C VAL B 38 -0.07 0.36 16.34
N LEU B 39 -1.38 0.53 16.46
CA LEU B 39 -2.01 1.81 16.04
C LEU B 39 -1.40 2.98 16.81
N LYS B 40 -1.29 2.87 18.14
CA LYS B 40 -0.70 3.93 18.99
C LYS B 40 0.68 4.29 18.44
N ALA B 41 1.55 3.31 18.27
CA ALA B 41 2.91 3.52 17.74
C ALA B 41 2.81 4.32 16.44
N LEU B 42 1.97 3.88 15.50
CA LEU B 42 1.86 4.56 14.19
C LEU B 42 1.44 6.03 14.38
N VAL B 43 0.36 6.29 15.12
CA VAL B 43 -0.14 7.69 15.25
C VAL B 43 0.88 8.53 16.01
N GLN B 44 1.67 7.93 16.89
CA GLN B 44 2.74 8.70 17.60
C GLN B 44 3.94 8.95 16.67
N HIS B 45 3.97 8.39 15.46
CA HIS B 45 5.07 8.63 14.47
C HIS B 45 4.49 8.97 13.11
N PRO B 46 3.76 10.10 13.00
CA PRO B 46 3.16 10.49 11.73
C PRO B 46 4.26 10.83 10.72
N ARG B 47 4.09 10.35 9.49
CA ARG B 47 4.92 10.63 8.29
C ARG B 47 6.36 10.10 8.47
N GLU B 48 6.63 9.31 9.50
CA GLU B 48 7.95 8.66 9.75
C GLU B 48 7.83 7.17 9.42
N PRO B 49 8.58 6.68 8.41
CA PRO B 49 8.62 5.25 8.12
C PRO B 49 9.11 4.47 9.35
N LEU B 50 8.38 3.46 9.80
CA LEU B 50 8.83 2.50 10.84
C LEU B 50 9.09 1.14 10.20
N THR B 51 10.25 0.54 10.46
CA THR B 51 10.53 -0.88 10.12
C THR B 51 9.61 -1.76 10.96
N ARG B 52 9.48 -3.02 10.58
CA ARG B 52 8.66 -4.01 11.30
C ARG B 52 9.21 -4.19 12.72
N ASP B 53 10.52 -4.02 12.92
CA ASP B 53 11.22 -4.24 14.23
C ASP B 53 10.98 -3.06 15.15
N LYS B 54 11.07 -1.84 14.61
CA LYS B 54 10.81 -0.59 15.39
C LYS B 54 9.36 -0.64 15.89
N LEU B 55 8.43 -1.01 15.01
CA LEU B 55 6.99 -1.15 15.33
C LEU B 55 6.78 -2.17 16.47
N MET B 56 7.44 -3.32 16.41
CA MET B 56 7.34 -4.39 17.45
C MET B 56 7.98 -3.86 18.73
N ASN B 57 9.12 -3.16 18.65
CA ASN B 57 9.81 -2.60 19.84
C ASN B 57 8.89 -1.59 20.55
N LEU B 58 8.22 -0.73 19.77
CA LEU B 58 7.29 0.31 20.30
C LEU B 58 6.02 -0.34 20.86
N ALA B 59 5.31 -1.13 20.05
CA ALA B 59 4.07 -1.86 20.42
C ALA B 59 4.32 -2.72 21.67
N ARG B 60 5.50 -3.36 21.73
CA ARG B 60 6.15 -3.97 22.93
C ARG B 60 5.46 -5.32 23.21
N GLU B 68 8.21 -8.71 14.57
CA GLU B 68 8.15 -10.00 13.82
C GLU B 68 6.90 -10.07 12.93
N ARG B 69 6.62 -11.23 12.33
CA ARG B 69 5.58 -11.41 11.27
C ARG B 69 4.20 -11.07 11.82
N SER B 70 4.01 -11.18 13.15
CA SER B 70 2.82 -10.78 13.92
C SER B 70 2.34 -9.40 13.43
N ILE B 71 3.28 -8.48 13.24
CA ILE B 71 2.99 -7.05 12.92
C ILE B 71 2.24 -6.94 11.59
N ASP B 72 2.68 -7.66 10.55
CA ASP B 72 2.05 -7.57 9.22
C ASP B 72 0.58 -7.98 9.32
N VAL B 73 0.30 -9.02 10.11
CA VAL B 73 -1.10 -9.49 10.33
C VAL B 73 -1.90 -8.37 11.02
N GLN B 74 -1.33 -7.80 12.08
CA GLN B 74 -1.92 -6.72 12.90
C GLN B 74 -2.21 -5.50 12.02
N VAL B 75 -1.25 -5.06 11.22
CA VAL B 75 -1.46 -3.94 10.26
C VAL B 75 -2.60 -4.31 9.30
N SER B 76 -2.60 -5.50 8.72
CA SER B 76 -3.64 -5.81 7.70
C SER B 76 -5.02 -5.77 8.39
N ARG B 77 -5.14 -6.09 9.69
CA ARG B 77 -6.45 -6.07 10.40
C ARG B 77 -6.86 -4.62 10.70
N LEU B 78 -5.91 -3.79 11.15
CA LEU B 78 -6.11 -2.32 11.29
C LEU B 78 -6.62 -1.74 9.96
N ARG B 79 -6.02 -2.10 8.86
CA ARG B 79 -6.38 -1.58 7.53
C ARG B 79 -7.82 -1.97 7.16
N ARG B 80 -8.17 -3.24 7.37
CA ARG B 80 -9.53 -3.78 7.04
C ARG B 80 -10.55 -2.91 7.78
N LEU B 81 -10.16 -2.42 8.96
CA LEU B 81 -11.01 -1.59 9.85
C LEU B 81 -10.99 -0.13 9.42
N ILE B 82 -9.82 0.52 9.36
CA ILE B 82 -9.77 2.00 9.29
C ILE B 82 -9.76 2.52 7.84
N GLU B 83 -9.33 1.75 6.84
CA GLU B 83 -9.14 2.28 5.45
C GLU B 83 -10.44 2.23 4.66
N ASP B 84 -10.70 3.29 3.91
CA ASP B 84 -11.80 3.37 2.91
C ASP B 84 -11.74 2.12 2.06
N ASN B 85 -10.55 1.82 1.55
CA ASN B 85 -10.23 0.62 0.73
C ASN B 85 -8.96 -0.04 1.25
N PRO B 86 -9.07 -1.19 1.94
CA PRO B 86 -7.92 -1.84 2.56
C PRO B 86 -6.78 -2.17 1.58
N ALA B 87 -7.14 -2.55 0.34
CA ALA B 87 -6.19 -2.87 -0.73
C ALA B 87 -5.47 -1.59 -1.22
N ARG B 88 -6.01 -0.40 -0.89
CA ARG B 88 -5.40 0.88 -1.27
C ARG B 88 -5.27 1.74 -0.02
N ALA B 89 -4.65 1.17 1.01
CA ALA B 89 -4.45 1.85 2.31
C ALA B 89 -3.95 3.27 2.04
N ARG B 90 -4.44 4.26 2.82
CA ARG B 90 -3.97 5.67 2.74
C ARG B 90 -3.49 6.15 4.11
N TYR B 91 -4.06 5.65 5.21
CA TYR B 91 -3.68 6.09 6.57
C TYR B 91 -2.41 5.32 6.98
N ILE B 92 -2.41 4.02 6.70
CA ILE B 92 -1.26 3.11 6.97
C ILE B 92 -0.72 2.65 5.61
N GLN B 93 0.35 3.29 5.14
CA GLN B 93 0.92 2.95 3.81
C GLN B 93 2.16 2.04 4.00
N THR B 94 2.39 1.18 3.03
CA THR B 94 3.55 0.25 2.99
C THR B 94 4.78 1.01 2.45
N VAL B 95 5.85 1.07 3.23
CA VAL B 95 7.20 1.45 2.72
C VAL B 95 7.88 0.17 2.24
N TRP B 96 7.99 -0.01 0.91
CA TRP B 96 8.40 -1.31 0.30
C TRP B 96 9.73 -1.79 0.85
N GLY B 97 9.79 -3.06 1.29
CA GLY B 97 11.02 -3.70 1.80
C GLY B 97 11.46 -3.20 3.18
N VAL B 98 10.77 -2.22 3.78
CA VAL B 98 11.16 -1.55 5.06
C VAL B 98 10.14 -1.82 6.19
N GLY B 99 8.85 -1.56 5.93
CA GLY B 99 7.78 -1.58 6.93
C GLY B 99 6.63 -0.68 6.53
N TYR B 100 6.26 0.26 7.41
CA TYR B 100 4.97 0.99 7.34
C TYR B 100 5.12 2.46 7.73
N VAL B 101 4.21 3.29 7.23
CA VAL B 101 4.14 4.73 7.61
C VAL B 101 2.66 5.15 7.85
N PHE B 102 2.45 5.88 8.93
CA PHE B 102 1.14 6.48 9.28
C PHE B 102 1.06 7.85 8.58
N VAL B 103 0.08 8.02 7.69
CA VAL B 103 -0.18 9.35 7.08
C VAL B 103 -1.53 9.87 7.57
N PRO B 104 -1.57 10.79 8.56
CA PRO B 104 -2.82 11.25 9.18
C PRO B 104 -3.87 11.85 8.23
N ASP B 105 -3.43 12.52 7.16
CA ASP B 105 -4.32 13.17 6.15
C ASP B 105 -4.61 12.26 4.96
N GLY B 106 -3.96 11.09 4.87
CA GLY B 106 -4.23 10.08 3.83
C GLY B 106 -3.57 10.43 2.50
N ALA B 107 -2.59 11.34 2.54
CA ALA B 107 -1.87 11.89 1.38
C ALA B 107 -0.91 10.85 0.77
N GLU B 108 -0.93 10.70 -0.57
CA GLU B 108 0.00 9.83 -1.34
C GLU B 108 1.45 10.31 -1.17
N HIS B 109 2.43 9.51 -1.61
CA HIS B 109 3.89 9.73 -1.36
C HIS B 109 4.37 11.04 -2.01
N HIS B 110 3.90 11.37 -3.23
CA HIS B 110 4.31 12.60 -3.97
C HIS B 110 3.73 13.86 -3.29
N HIS B 111 2.59 13.71 -2.58
CA HIS B 111 1.81 14.76 -1.85
C HIS B 111 0.85 15.49 -2.81
N GLU C 6 -4.57 -13.48 -17.32
CA GLU C 6 -3.13 -13.35 -17.65
C GLU C 6 -2.47 -12.45 -16.59
N VAL C 7 -2.17 -13.04 -15.42
CA VAL C 7 -1.44 -12.40 -14.29
C VAL C 7 0.00 -12.88 -14.29
N VAL C 8 0.99 -12.00 -14.29
CA VAL C 8 2.44 -12.36 -14.23
C VAL C 8 2.98 -12.00 -12.85
N SER C 9 3.79 -12.87 -12.27
CA SER C 9 4.48 -12.64 -10.98
C SER C 9 5.97 -12.40 -11.22
N PHE C 10 6.58 -11.60 -10.36
CA PHE C 10 8.05 -11.47 -10.25
C PHE C 10 8.33 -11.02 -8.81
N GLY C 11 9.12 -11.82 -8.12
CA GLY C 11 9.39 -11.60 -6.69
C GLY C 11 8.06 -11.34 -5.98
N PRO C 12 7.95 -10.29 -5.14
CA PRO C 12 6.72 -10.04 -4.40
C PRO C 12 5.65 -9.34 -5.23
N TRP C 13 5.94 -9.03 -6.48
CA TRP C 13 5.03 -8.28 -7.38
C TRP C 13 4.15 -9.26 -8.16
N SER C 14 2.91 -8.85 -8.40
CA SER C 14 1.98 -9.47 -9.37
C SER C 14 1.34 -8.37 -10.22
N LEU C 15 1.33 -8.56 -11.54
CA LEU C 15 0.73 -7.64 -12.53
C LEU C 15 -0.43 -8.37 -13.23
N ASP C 16 -1.65 -7.88 -13.09
CA ASP C 16 -2.84 -8.43 -13.76
C ASP C 16 -3.07 -7.59 -15.02
N LEU C 17 -2.84 -8.16 -16.19
CA LEU C 17 -2.98 -7.43 -17.46
C LEU C 17 -4.46 -7.27 -17.81
N SER C 18 -5.35 -8.06 -17.21
CA SER C 18 -6.81 -7.89 -17.35
C SER C 18 -7.24 -6.59 -16.70
N THR C 19 -7.09 -6.47 -15.38
CA THR C 19 -7.59 -5.35 -14.54
C THR C 19 -6.60 -4.20 -14.55
N ARG C 20 -5.46 -4.40 -15.21
CA ARG C 20 -4.35 -3.42 -15.35
C ARG C 20 -3.92 -2.95 -13.95
N THR C 21 -3.69 -3.87 -13.03
CA THR C 21 -3.37 -3.55 -11.61
C THR C 21 -2.05 -4.21 -11.24
N LEU C 22 -1.22 -3.49 -10.50
CA LEU C 22 0.05 -4.02 -9.93
C LEU C 22 -0.13 -4.13 -8.41
N THR C 23 0.07 -5.32 -7.86
CA THR C 23 -0.10 -5.62 -6.42
C THR C 23 1.22 -6.07 -5.81
N ARG C 24 1.36 -5.80 -4.52
CA ARG C 24 2.33 -6.47 -3.62
C ARG C 24 1.79 -6.43 -2.21
N GLU C 25 1.90 -7.54 -1.49
CA GLU C 25 1.59 -7.64 -0.04
C GLU C 25 0.20 -7.01 0.18
N GLY C 26 -0.77 -7.35 -0.67
CA GLY C 26 -2.18 -6.93 -0.51
C GLY C 26 -2.50 -5.56 -1.07
N GLN C 27 -1.50 -4.69 -1.24
CA GLN C 27 -1.68 -3.27 -1.70
C GLN C 27 -1.60 -3.18 -3.23
N ILE C 28 -2.56 -2.49 -3.84
CA ILE C 28 -2.50 -2.02 -5.26
C ILE C 28 -1.65 -0.76 -5.34
N VAL C 29 -0.62 -0.74 -6.19
CA VAL C 29 0.29 0.44 -6.36
C VAL C 29 -0.16 1.24 -7.58
N THR C 30 -0.16 2.55 -7.42
CA THR C 30 -0.51 3.53 -8.48
C THR C 30 0.64 3.58 -9.50
N LEU C 31 0.34 3.28 -10.76
CA LEU C 31 1.24 3.48 -11.91
C LEU C 31 0.66 4.56 -12.83
N THR C 32 1.46 5.28 -13.59
CA THR C 32 0.95 6.11 -14.70
C THR C 32 0.56 5.18 -15.85
N THR C 33 -0.23 5.64 -16.80
CA THR C 33 -0.57 4.84 -18.00
C THR C 33 0.73 4.42 -18.72
N GLY C 34 1.72 5.31 -18.77
CA GLY C 34 2.97 5.03 -19.48
C GLY C 34 3.79 3.98 -18.76
N GLU C 35 3.89 4.10 -17.43
CA GLU C 35 4.63 3.14 -16.58
C GLU C 35 3.98 1.76 -16.78
N PHE C 36 2.63 1.73 -16.83
CA PHE C 36 1.88 0.45 -16.93
C PHE C 36 2.20 -0.17 -18.29
N ALA C 37 2.12 0.65 -19.33
CA ALA C 37 2.30 0.22 -20.73
C ALA C 37 3.71 -0.33 -20.93
N VAL C 38 4.71 0.35 -20.38
CA VAL C 38 6.14 -0.04 -20.47
C VAL C 38 6.32 -1.31 -19.64
N LEU C 39 5.80 -1.36 -18.43
CA LEU C 39 5.90 -2.60 -17.61
C LEU C 39 5.25 -3.77 -18.37
N LYS C 40 4.03 -3.58 -18.88
CA LYS C 40 3.31 -4.62 -19.64
C LYS C 40 4.21 -5.13 -20.77
N ALA C 41 4.74 -4.23 -21.58
CA ALA C 41 5.61 -4.59 -22.72
C ALA C 41 6.73 -5.48 -22.19
N LEU C 42 7.43 -5.03 -21.14
CA LEU C 42 8.58 -5.80 -20.62
C LEU C 42 8.13 -7.20 -20.17
N VAL C 43 7.09 -7.31 -19.33
CA VAL C 43 6.68 -8.65 -18.79
C VAL C 43 6.19 -9.53 -19.93
N GLN C 44 5.63 -8.95 -20.99
CA GLN C 44 5.19 -9.77 -22.15
C GLN C 44 6.38 -10.18 -23.01
N HIS C 45 7.60 -9.71 -22.72
CA HIS C 45 8.84 -10.10 -23.47
C HIS C 45 9.94 -10.46 -22.47
N PRO C 46 9.74 -11.52 -21.66
CA PRO C 46 10.74 -11.91 -20.67
C PRO C 46 11.99 -12.41 -21.40
N ARG C 47 13.16 -12.00 -20.90
CA ARG C 47 14.52 -12.45 -21.31
C ARG C 47 14.82 -12.04 -22.76
N GLU C 48 13.99 -11.18 -23.37
CA GLU C 48 14.20 -10.64 -24.75
C GLU C 48 14.66 -9.19 -24.61
N PRO C 49 15.88 -8.85 -25.06
CA PRO C 49 16.32 -7.46 -25.07
C PRO C 49 15.36 -6.64 -25.95
N LEU C 50 14.79 -5.54 -25.45
CA LEU C 50 14.03 -4.58 -26.27
C LEU C 50 14.84 -3.29 -26.42
N THR C 51 14.98 -2.79 -27.66
CA THR C 51 15.51 -1.43 -27.92
C THR C 51 14.53 -0.42 -27.35
N ARG C 52 14.98 0.82 -27.19
CA ARG C 52 14.14 1.92 -26.68
C ARG C 52 12.98 2.14 -27.66
N ASP C 53 13.17 1.90 -28.97
CA ASP C 53 12.15 2.11 -30.03
C ASP C 53 11.09 1.02 -30.00
N LYS C 54 11.51 -0.24 -29.86
CA LYS C 54 10.59 -1.41 -29.76
C LYS C 54 9.68 -1.20 -28.55
N LEU C 55 10.26 -0.81 -27.41
CA LEU C 55 9.54 -0.52 -26.14
C LEU C 55 8.47 0.57 -26.37
N MET C 56 8.83 1.67 -27.04
CA MET C 56 7.91 2.80 -27.32
C MET C 56 6.84 2.32 -28.32
N ASN C 57 7.21 1.52 -29.31
CA ASN C 57 6.25 0.99 -30.33
C ASN C 57 5.23 0.11 -29.63
N LEU C 58 5.66 -0.73 -28.69
CA LEU C 58 4.78 -1.66 -27.92
C LEU C 58 3.90 -0.86 -26.95
N ALA C 59 4.52 -0.08 -26.06
CA ALA C 59 3.87 0.74 -25.02
C ALA C 59 2.82 1.69 -25.64
N ARG C 60 3.16 2.49 -26.65
CA ARG C 60 2.39 3.73 -26.96
C ARG C 60 2.08 3.87 -28.44
N GLY C 61 2.59 2.98 -29.32
CA GLY C 61 2.44 3.10 -30.79
C GLY C 61 2.67 4.55 -31.21
N ARG C 62 1.82 5.13 -32.06
CA ARG C 62 1.66 6.60 -32.26
C ARG C 62 3.01 7.34 -32.16
N GLU C 68 12.99 7.23 -28.07
CA GLU C 68 12.03 8.06 -27.29
C GLU C 68 12.54 8.17 -25.84
N ARG C 69 13.13 9.32 -25.48
CA ARG C 69 13.84 9.55 -24.19
C ARG C 69 12.89 9.32 -23.01
N SER C 70 11.59 9.51 -23.24
CA SER C 70 10.49 9.28 -22.28
C SER C 70 10.70 7.92 -21.60
N ILE C 71 11.05 6.91 -22.38
CA ILE C 71 11.17 5.49 -21.92
C ILE C 71 12.21 5.37 -20.80
N ASP C 72 13.36 5.99 -20.93
CA ASP C 72 14.46 5.91 -19.92
C ASP C 72 13.95 6.45 -18.59
N VAL C 73 13.21 7.55 -18.62
CA VAL C 73 12.61 8.16 -17.39
C VAL C 73 11.61 7.16 -16.78
N GLN C 74 10.74 6.60 -17.63
CA GLN C 74 9.68 5.64 -17.23
C GLN C 74 10.31 4.39 -16.61
N VAL C 75 11.33 3.83 -17.26
CA VAL C 75 12.08 2.67 -16.68
C VAL C 75 12.68 3.09 -15.33
N SER C 76 13.31 4.24 -15.22
CA SER C 76 14.00 4.58 -13.96
C SER C 76 12.93 4.70 -12.84
N ARG C 77 11.69 5.10 -13.15
CA ARG C 77 10.62 5.23 -12.13
C ARG C 77 10.09 3.85 -11.74
N LEU C 78 9.88 2.97 -12.71
CA LEU C 78 9.57 1.54 -12.49
C LEU C 78 10.60 0.93 -11.54
N ARG C 79 11.87 1.17 -11.80
CA ARG C 79 12.98 0.58 -11.01
C ARG C 79 12.92 1.06 -9.55
N ARG C 80 12.73 2.37 -9.35
CA ARG C 80 12.69 2.99 -8.00
C ARG C 80 11.60 2.28 -7.21
N LEU C 81 10.55 1.85 -7.91
CA LEU C 81 9.38 1.17 -7.32
C LEU C 81 9.66 -0.33 -7.12
N ILE C 82 10.02 -1.07 -8.17
CA ILE C 82 9.95 -2.57 -8.12
C ILE C 82 11.28 -3.19 -7.66
N GLU C 83 12.44 -2.55 -7.80
CA GLU C 83 13.76 -3.20 -7.54
C GLU C 83 14.14 -3.12 -6.06
N ASP C 84 14.67 -4.21 -5.52
CA ASP C 84 15.24 -4.26 -4.15
C ASP C 84 16.17 -3.05 -4.01
N ASN C 85 17.07 -2.89 -4.98
CA ASN C 85 18.05 -1.79 -5.09
C ASN C 85 18.00 -1.19 -6.50
N PRO C 86 17.42 0.02 -6.66
CA PRO C 86 17.22 0.60 -7.99
C PRO C 86 18.51 0.80 -8.78
N ALA C 87 19.61 1.12 -8.08
CA ALA C 87 20.96 1.31 -8.66
C ALA C 87 21.52 -0.04 -9.14
N ARG C 88 20.95 -1.16 -8.69
CA ARG C 88 21.40 -2.51 -9.08
C ARG C 88 20.18 -3.28 -9.52
N ALA C 89 19.44 -2.72 -10.48
CA ALA C 89 18.20 -3.33 -11.03
C ALA C 89 18.48 -4.80 -11.32
N ARG C 90 17.50 -5.68 -11.05
CA ARG C 90 17.58 -7.13 -11.39
C ARG C 90 16.39 -7.54 -12.27
N TYR C 91 15.22 -6.94 -12.11
CA TYR C 91 14.01 -7.34 -12.87
C TYR C 91 14.04 -6.66 -14.23
N ILE C 92 14.43 -5.39 -14.24
CA ILE C 92 14.62 -4.56 -15.48
C ILE C 92 16.11 -4.26 -15.57
N GLN C 93 16.83 -5.01 -16.39
CA GLN C 93 18.30 -4.81 -16.54
C GLN C 93 18.58 -4.00 -17.83
N THR C 94 19.65 -3.21 -17.80
CA THR C 94 20.09 -2.37 -18.95
C THR C 94 20.91 -3.25 -19.92
N VAL C 95 20.49 -3.35 -21.18
CA VAL C 95 21.36 -3.87 -22.27
C VAL C 95 22.12 -2.68 -22.86
N TRP C 96 23.41 -2.54 -22.56
CA TRP C 96 24.22 -1.33 -22.86
C TRP C 96 24.15 -1.00 -24.36
N GLY C 97 23.86 0.25 -24.69
CA GLY C 97 23.81 0.77 -26.08
C GLY C 97 22.57 0.32 -26.85
N VAL C 98 21.71 -0.54 -26.29
CA VAL C 98 20.54 -1.18 -26.98
C VAL C 98 19.19 -0.75 -26.38
N GLY C 99 19.04 -0.87 -25.05
CA GLY C 99 17.78 -0.65 -24.32
C GLY C 99 17.73 -1.46 -23.04
N TYR C 100 16.72 -2.33 -22.90
CA TYR C 100 16.36 -2.95 -21.60
C TYR C 100 15.90 -4.40 -21.77
N VAL C 101 15.99 -5.17 -20.69
CA VAL C 101 15.51 -6.58 -20.66
C VAL C 101 14.81 -6.88 -19.32
N PHE C 102 13.65 -7.53 -19.42
CA PHE C 102 12.85 -7.96 -18.25
C PHE C 102 13.37 -9.36 -17.87
N VAL C 103 13.90 -9.51 -16.64
CA VAL C 103 14.31 -10.85 -16.14
C VAL C 103 13.39 -11.23 -14.97
N PRO C 104 12.36 -12.08 -15.20
CA PRO C 104 11.35 -12.37 -14.17
C PRO C 104 11.89 -12.93 -12.85
N ASP C 105 12.99 -13.71 -12.89
CA ASP C 105 13.60 -14.34 -11.70
C ASP C 105 14.70 -13.47 -11.07
N GLY C 106 15.08 -12.37 -11.75
CA GLY C 106 16.07 -11.39 -11.22
C GLY C 106 17.49 -11.88 -11.37
N ALA C 107 17.70 -12.86 -12.26
CA ALA C 107 18.98 -13.55 -12.51
C ALA C 107 19.98 -12.62 -13.24
N GLU C 108 21.21 -12.50 -12.72
CA GLU C 108 22.30 -11.69 -13.36
C GLU C 108 22.67 -12.27 -14.74
N HIS C 109 23.48 -11.57 -15.52
CA HIS C 109 23.84 -11.88 -16.94
C HIS C 109 24.54 -13.25 -17.03
N HIS C 110 25.44 -13.57 -16.10
CA HIS C 110 26.23 -14.84 -16.10
C HIS C 110 25.31 -16.04 -15.73
N HIS C 111 24.22 -15.77 -14.96
CA HIS C 111 23.15 -16.70 -14.50
C HIS C 111 23.54 -17.25 -13.11
N GLU D 6 8.42 -28.22 27.31
CA GLU D 6 6.96 -28.05 27.66
C GLU D 6 6.15 -27.83 26.37
N VAL D 7 5.98 -28.90 25.59
CA VAL D 7 5.24 -28.94 24.30
C VAL D 7 3.87 -29.60 24.53
N VAL D 8 2.77 -28.96 24.16
CA VAL D 8 1.41 -29.54 24.30
C VAL D 8 0.88 -29.90 22.91
N SER D 9 0.26 -31.07 22.79
CA SER D 9 -0.38 -31.55 21.53
C SER D 9 -1.89 -31.50 21.69
N PHE D 10 -2.60 -31.25 20.61
CA PHE D 10 -4.07 -31.42 20.51
C PHE D 10 -4.38 -31.63 19.03
N GLY D 11 -5.02 -32.75 18.73
CA GLY D 11 -5.27 -33.19 17.35
C GLY D 11 -3.99 -33.00 16.55
N PRO D 12 -4.02 -32.37 15.36
CA PRO D 12 -2.84 -32.26 14.53
C PRO D 12 -1.91 -31.12 14.95
N TRP D 13 -2.27 -30.39 15.99
CA TRP D 13 -1.52 -29.20 16.47
C TRP D 13 -0.52 -29.62 17.54
N SER D 14 0.62 -28.95 17.56
CA SER D 14 1.61 -28.95 18.66
C SER D 14 2.03 -27.52 18.97
N LEU D 15 2.03 -27.14 20.24
CA LEU D 15 2.43 -25.80 20.75
C LEU D 15 3.65 -25.95 21.65
N ASP D 16 4.77 -25.37 21.27
CA ASP D 16 6.03 -25.41 22.07
C ASP D 16 6.10 -24.09 22.84
N LEU D 17 5.94 -24.15 24.15
CA LEU D 17 5.95 -22.93 24.98
C LEU D 17 7.37 -22.41 25.14
N SER D 18 8.39 -23.23 24.88
CA SER D 18 9.81 -22.79 24.86
C SER D 18 10.03 -21.82 23.69
N THR D 19 9.88 -22.31 22.46
CA THR D 19 10.21 -21.60 21.21
C THR D 19 9.05 -20.71 20.78
N ARG D 20 7.93 -20.78 21.53
CA ARG D 20 6.69 -20.01 21.31
C ARG D 20 6.22 -20.24 19.87
N THR D 21 6.13 -21.50 19.43
CA THR D 21 5.79 -21.85 18.04
C THR D 21 4.58 -22.78 18.07
N LEU D 22 3.67 -22.58 17.12
CA LEU D 22 2.56 -23.52 16.84
C LEU D 22 2.83 -24.20 15.50
N THR D 23 2.87 -25.53 15.50
CA THR D 23 3.13 -26.35 14.30
C THR D 23 1.93 -27.24 13.97
N ARG D 24 1.78 -27.54 12.69
CA ARG D 24 0.98 -28.67 12.19
C ARG D 24 1.55 -29.13 10.85
N GLU D 25 1.66 -30.45 10.68
CA GLU D 25 2.00 -31.08 9.37
C GLU D 25 3.24 -30.36 8.82
N GLY D 26 4.26 -30.19 9.66
CA GLY D 26 5.58 -29.66 9.26
C GLY D 26 5.66 -28.14 9.27
N GLN D 27 4.54 -27.43 9.11
CA GLN D 27 4.50 -25.95 8.97
C GLN D 27 4.33 -25.26 10.34
N ILE D 28 5.15 -24.25 10.62
CA ILE D 28 4.95 -23.26 11.72
C ILE D 28 3.92 -22.22 11.29
N VAL D 29 2.85 -22.03 12.08
CA VAL D 29 1.75 -21.06 11.75
C VAL D 29 1.98 -19.76 12.50
N THR D 30 1.79 -18.64 11.80
CA THR D 30 1.91 -17.27 12.35
C THR D 30 0.73 -17.01 13.29
N LEU D 31 1.02 -16.69 14.53
CA LEU D 31 0.08 -16.23 15.56
C LEU D 31 0.47 -14.79 15.93
N THR D 32 -0.47 -13.96 16.37
CA THR D 32 -0.12 -12.68 17.03
C THR D 32 0.40 -13.02 18.42
N THR D 33 1.11 -12.10 19.06
CA THR D 33 1.56 -12.27 20.48
C THR D 33 0.34 -12.52 21.37
N GLY D 34 -0.78 -11.85 21.10
CA GLY D 34 -2.00 -11.97 21.92
C GLY D 34 -2.64 -13.32 21.73
N GLU D 35 -2.73 -13.78 20.47
CA GLU D 35 -3.30 -15.12 20.13
C GLU D 35 -2.46 -16.16 20.87
N PHE D 36 -1.13 -15.99 20.85
CA PHE D 36 -0.20 -16.98 21.45
C PHE D 36 -0.43 -16.99 22.96
N ALA D 37 -0.50 -15.81 23.56
CA ALA D 37 -0.63 -15.62 25.02
C ALA D 37 -1.95 -16.26 25.51
N VAL D 38 -3.03 -16.03 24.77
CA VAL D 38 -4.38 -16.57 25.08
C VAL D 38 -4.34 -18.08 24.87
N LEU D 39 -3.79 -18.54 23.76
CA LEU D 39 -3.67 -20.00 23.53
C LEU D 39 -2.85 -20.63 24.68
N LYS D 40 -1.69 -20.06 25.00
CA LYS D 40 -0.82 -20.58 26.09
C LYS D 40 -1.66 -20.71 27.36
N ALA D 41 -2.34 -19.64 27.78
CA ALA D 41 -3.17 -19.65 29.00
C ALA D 41 -4.11 -20.85 28.93
N LEU D 42 -4.85 -21.00 27.82
CA LEU D 42 -5.84 -22.09 27.69
C LEU D 42 -5.16 -23.45 27.84
N VAL D 43 -4.09 -23.73 27.09
CA VAL D 43 -3.44 -25.09 27.14
C VAL D 43 -2.84 -25.31 28.52
N GLN D 44 -2.42 -24.26 29.21
CA GLN D 44 -1.88 -24.42 30.58
C GLN D 44 -3.01 -24.65 31.60
N HIS D 45 -4.28 -24.56 31.20
CA HIS D 45 -5.45 -24.81 32.08
C HIS D 45 -6.44 -25.73 31.39
N PRO D 46 -6.03 -26.99 31.09
CA PRO D 46 -6.91 -27.91 30.37
C PRO D 46 -8.09 -28.28 31.28
N ARG D 47 -9.29 -28.32 30.70
CA ARG D 47 -10.57 -28.76 31.30
C ARG D 47 -10.99 -27.84 32.45
N GLU D 48 -10.33 -26.69 32.65
CA GLU D 48 -10.70 -25.67 33.67
C GLU D 48 -11.33 -24.49 32.95
N PRO D 49 -12.62 -24.18 33.23
CA PRO D 49 -13.25 -22.98 32.69
C PRO D 49 -12.46 -21.74 33.14
N LEU D 50 -12.09 -20.86 32.21
CA LEU D 50 -11.51 -19.53 32.53
C LEU D 50 -12.53 -18.44 32.15
N THR D 51 -12.80 -17.50 33.08
CA THR D 51 -13.57 -16.26 32.77
C THR D 51 -12.73 -15.43 31.81
N ARG D 52 -13.37 -14.47 31.16
CA ARG D 52 -12.71 -13.53 30.22
C ARG D 52 -11.65 -12.72 30.97
N ASP D 53 -11.85 -12.45 32.27
CA ASP D 53 -10.92 -11.62 33.11
C ASP D 53 -9.68 -12.43 33.48
N LYS D 54 -9.87 -13.69 33.89
CA LYS D 54 -8.75 -14.61 34.26
C LYS D 54 -7.85 -14.78 33.03
N LEU D 55 -8.47 -14.99 31.86
CA LEU D 55 -7.76 -15.14 30.57
C LEU D 55 -6.91 -13.90 30.26
N MET D 56 -7.46 -12.70 30.43
CA MET D 56 -6.75 -11.42 30.17
C MET D 56 -5.66 -11.26 31.25
N ASN D 57 -5.92 -11.63 32.51
CA ASN D 57 -4.92 -11.53 33.60
C ASN D 57 -3.72 -12.43 33.28
N LEU D 58 -3.98 -13.65 32.79
CA LEU D 58 -2.93 -14.64 32.42
C LEU D 58 -2.17 -14.18 31.16
N ALA D 59 -2.90 -13.97 30.07
CA ALA D 59 -2.38 -13.54 28.75
C ALA D 59 -1.57 -12.25 28.89
N ARG D 60 -2.04 -11.28 29.71
CA ARG D 60 -1.43 -9.95 30.00
C ARG D 60 -1.71 -9.60 31.47
N GLU D 68 -11.80 -8.45 29.24
CA GLU D 68 -11.67 -7.45 28.14
C GLU D 68 -12.21 -8.04 26.85
N ARG D 69 -12.98 -7.27 26.07
CA ARG D 69 -13.69 -7.73 24.86
C ARG D 69 -12.69 -8.24 23.81
N SER D 70 -11.46 -7.73 23.86
CA SER D 70 -10.27 -8.16 23.07
C SER D 70 -10.24 -9.70 23.00
N ILE D 71 -10.47 -10.35 24.15
CA ILE D 71 -10.31 -11.82 24.31
C ILE D 71 -11.27 -12.57 23.39
N ASP D 72 -12.53 -12.16 23.34
CA ASP D 72 -13.55 -12.85 22.51
C ASP D 72 -13.10 -12.84 21.05
N VAL D 73 -12.56 -11.71 20.58
CA VAL D 73 -12.06 -11.58 19.19
C VAL D 73 -10.89 -12.56 18.98
N GLN D 74 -9.95 -12.56 19.92
CA GLN D 74 -8.74 -13.39 19.91
C GLN D 74 -9.13 -14.87 19.88
N VAL D 75 -10.05 -15.30 20.75
CA VAL D 75 -10.56 -16.69 20.75
C VAL D 75 -11.19 -16.99 19.40
N SER D 76 -12.03 -16.11 18.86
CA SER D 76 -12.72 -16.46 17.60
C SER D 76 -11.65 -16.63 16.48
N ARG D 77 -10.51 -15.93 16.53
CA ARG D 77 -9.45 -16.06 15.50
C ARG D 77 -8.66 -17.36 15.70
N LEU D 78 -8.34 -17.71 16.95
CA LEU D 78 -7.77 -19.03 17.32
C LEU D 78 -8.65 -20.15 16.77
N ARG D 79 -9.95 -20.03 16.95
CA ARG D 79 -10.93 -21.06 16.51
C ARG D 79 -10.89 -21.21 14.99
N ARG D 80 -10.90 -20.09 14.27
CA ARG D 80 -10.91 -20.07 12.78
C ARG D 80 -9.70 -20.88 12.31
N LEU D 81 -8.62 -20.81 13.09
CA LEU D 81 -7.33 -21.46 12.78
C LEU D 81 -7.36 -22.93 13.21
N ILE D 82 -7.64 -23.24 14.50
CA ILE D 82 -7.32 -24.58 15.04
C ILE D 82 -8.51 -25.53 14.91
N GLU D 83 -9.76 -25.08 14.80
CA GLU D 83 -10.95 -25.98 14.87
C GLU D 83 -11.28 -26.53 13.46
N ASP D 84 -11.58 -27.81 13.40
CA ASP D 84 -12.08 -28.48 12.18
C ASP D 84 -13.23 -27.63 11.64
N ASN D 85 -14.16 -27.26 12.52
CA ASN D 85 -15.32 -26.38 12.24
C ASN D 85 -15.42 -25.29 13.29
N PRO D 86 -15.07 -24.03 12.95
CA PRO D 86 -15.03 -22.94 13.92
C PRO D 86 -16.36 -22.69 14.62
N ALA D 87 -17.47 -22.86 13.90
CA ALA D 87 -18.84 -22.70 14.40
C ALA D 87 -19.18 -23.82 15.39
N ARG D 88 -18.40 -24.91 15.39
CA ARG D 88 -18.61 -26.05 16.31
C ARG D 88 -17.30 -26.34 17.00
N ALA D 89 -16.70 -25.32 17.60
CA ALA D 89 -15.40 -25.43 18.31
C ALA D 89 -15.44 -26.68 19.19
N ARG D 90 -14.31 -27.40 19.27
CA ARG D 90 -14.17 -28.59 20.16
C ARG D 90 -12.96 -28.43 21.08
N TYR D 91 -11.90 -27.76 20.64
CA TYR D 91 -10.66 -27.60 21.46
C TYR D 91 -10.86 -26.44 22.42
N ILE D 92 -11.45 -25.36 21.92
CA ILE D 92 -11.82 -24.14 22.70
C ILE D 92 -13.34 -24.08 22.74
N GLN D 93 -13.94 -24.53 23.83
CA GLN D 93 -15.41 -24.51 23.98
C GLN D 93 -15.84 -23.29 24.82
N THR D 94 -17.03 -22.77 24.52
CA THR D 94 -17.65 -21.62 25.26
C THR D 94 -18.33 -22.16 26.53
N VAL D 95 -17.92 -21.67 27.69
CA VAL D 95 -18.71 -21.83 28.95
C VAL D 95 -19.69 -20.65 29.04
N TRP D 96 -20.97 -20.90 28.78
CA TRP D 96 -22.00 -19.83 28.59
C TRP D 96 -22.04 -18.87 29.78
N GLY D 97 -21.97 -17.57 29.51
CA GLY D 97 -22.03 -16.49 30.53
C GLY D 97 -20.77 -16.37 31.40
N VAL D 98 -19.76 -17.23 31.21
CA VAL D 98 -18.52 -17.30 32.05
C VAL D 98 -17.26 -16.93 31.26
N GLY D 99 -17.05 -17.58 30.11
CA GLY D 99 -15.82 -17.49 29.31
C GLY D 99 -15.59 -18.76 28.50
N TYR D 100 -14.42 -19.39 28.67
CA TYR D 100 -13.91 -20.41 27.72
C TYR D 100 -13.18 -21.55 28.44
N VAL D 101 -13.16 -22.72 27.80
CA VAL D 101 -12.44 -23.92 28.32
C VAL D 101 -11.68 -24.62 27.18
N PHE D 102 -10.43 -24.99 27.48
CA PHE D 102 -9.56 -25.77 26.56
C PHE D 102 -9.84 -27.26 26.83
N VAL D 103 -10.29 -27.98 25.81
CA VAL D 103 -10.48 -29.46 25.92
C VAL D 103 -9.47 -30.13 24.98
N PRO D 104 -8.33 -30.64 25.50
CA PRO D 104 -7.25 -31.17 24.66
C PRO D 104 -7.64 -32.28 23.68
N ASP D 105 -8.59 -33.15 24.07
CA ASP D 105 -9.04 -34.31 23.28
C ASP D 105 -10.26 -33.97 22.39
N GLY D 106 -10.84 -32.78 22.55
CA GLY D 106 -11.93 -32.26 21.69
C GLY D 106 -13.27 -32.88 22.07
N ALA D 107 -13.35 -33.41 23.29
CA ALA D 107 -14.52 -34.13 23.85
C ALA D 107 -15.68 -33.16 24.16
N GLU D 108 -16.89 -33.48 23.70
CA GLU D 108 -18.14 -32.72 23.99
C GLU D 108 -18.46 -32.82 25.51
N HIS D 109 -19.41 -32.01 25.99
CA HIS D 109 -19.68 -31.80 27.44
C HIS D 109 -20.16 -33.11 28.10
N HIS D 110 -21.01 -33.90 27.41
CA HIS D 110 -21.61 -35.16 27.94
C HIS D 110 -20.51 -36.25 28.12
N HIS D 111 -19.42 -36.18 27.33
CA HIS D 111 -18.07 -36.82 27.56
C HIS D 111 -17.67 -37.75 26.39
#